data_6DE5
#
_entry.id   6DE5
#
_cell.length_a   70.440
_cell.length_b   94.631
_cell.length_c   75.500
_cell.angle_alpha   90.00
_cell.angle_beta   90.00
_cell.angle_gamma   90.00
#
_symmetry.space_group_name_H-M   'C 2 2 21'
#
loop_
_entity.id
_entity.type
_entity.pdbx_description
1 polymer 'riboflavin biosynthesis protein RibD'
2 non-polymer 'NADPH DIHYDRO-NICOTINAMIDE-ADENINE-DINUCLEOTIDE PHOSPHATE'
3 non-polymer 6-ethyl-5-{(3S)-3-[2-methoxy-5-(pyridin-4-yl)phenyl]but-1-yn-1-yl}pyrimidine-2,4-diamine
4 water water
#
_entity_poly.entity_id   1
_entity_poly.type   'polypeptide(L)'
_entity_poly.pdbx_seq_one_letter_code
;MPDSGQLGAADTPLRLLSSVHYLTDGELPQLYDYPDDGTWLRANFISSLDGGATVDGTSGAMAGPGDRFVFNLLRELADV
IVVGVGTVRIEGYSGVRMGVVQRQHRQARGQSEVPQLAIVTRSGRLDRDMAVFTRTEMAPLVLTTTAVADDTRQRLAGLA
EVIACSGDDPGTVDEAVLVSQLAARGLRRILTEGGPTLLGTFVERDVLDELCLTIAPYVVGGLARRIVTGPGQVLTRMRC
AHVLTDDSGYLYTRYVKT
;
_entity_poly.pdbx_strand_id   A
#
loop_
_chem_comp.id
_chem_comp.type
_chem_comp.name
_chem_comp.formula
G8J non-polymer 6-ethyl-5-{(3S)-3-[2-methoxy-5-(pyridin-4-yl)phenyl]but-1-yn-1-yl}pyrimidine-2,4-diamine 'C22 H23 N5 O'
NDP non-polymer 'NADPH DIHYDRO-NICOTINAMIDE-ADENINE-DINUCLEOTIDE PHOSPHATE' 'C21 H30 N7 O17 P3'
#
# COMPACT_ATOMS: atom_id res chain seq x y z
N PRO A 13 -33.42 13.26 1.92
CA PRO A 13 -31.96 13.36 1.83
C PRO A 13 -31.27 11.99 1.68
N LEU A 14 -31.94 10.92 2.14
CA LEU A 14 -31.34 9.57 2.20
C LEU A 14 -31.74 8.68 1.04
N ARG A 15 -30.75 7.98 0.49
CA ARG A 15 -30.94 7.10 -0.66
C ARG A 15 -30.40 5.73 -0.33
N LEU A 16 -31.13 4.72 -0.74
CA LEU A 16 -30.74 3.34 -0.50
C LEU A 16 -29.88 2.81 -1.66
N LEU A 17 -28.79 2.13 -1.33
CA LEU A 17 -27.95 1.51 -2.35
C LEU A 17 -28.37 0.06 -2.59
N SER A 18 -28.02 -0.48 -3.76
CA SER A 18 -28.13 -1.92 -4.03
C SER A 18 -27.35 -2.27 -5.31
N SER A 19 -27.11 -3.57 -5.52
CA SER A 19 -26.35 -4.04 -6.69
C SER A 19 -27.02 -3.68 -8.00
N VAL A 20 -26.45 -2.70 -8.67
CA VAL A 20 -27.01 -2.22 -9.92
C VAL A 20 -26.32 -2.80 -11.12
N HIS A 21 -25.07 -3.21 -10.96
CA HIS A 21 -24.23 -3.49 -12.12
C HIS A 21 -23.17 -4.54 -11.86
N TYR A 22 -23.18 -5.58 -12.68
CA TYR A 22 -22.13 -6.59 -12.67
C TYR A 22 -20.92 -6.10 -13.43
N LEU A 23 -19.75 -6.32 -12.83
CA LEU A 23 -18.52 -5.81 -13.39
C LEU A 23 -17.85 -6.87 -14.22
N THR A 24 -17.67 -6.57 -15.51
CA THR A 24 -16.85 -7.42 -16.36
C THR A 24 -15.37 -7.29 -15.95
N ASP A 25 -14.51 -8.17 -16.47
CA ASP A 25 -13.12 -8.26 -16.02
C ASP A 25 -12.27 -7.08 -16.50
N GLY A 26 -12.82 -6.28 -17.42
CA GLY A 26 -12.15 -5.07 -17.88
C GLY A 26 -12.70 -3.80 -17.25
N GLU A 27 -13.90 -3.90 -16.65
CA GLU A 27 -14.48 -2.73 -16.01
C GLU A 27 -13.89 -2.53 -14.63
N LEU A 28 -13.56 -3.63 -13.96
CA LEU A 28 -13.04 -3.51 -12.60
C LEU A 28 -11.70 -2.76 -12.53
N PRO A 29 -10.76 -3.00 -13.47
CA PRO A 29 -9.56 -2.15 -13.41
C PRO A 29 -9.78 -0.68 -13.79
N GLN A 30 -10.80 -0.34 -14.59
CA GLN A 30 -11.07 1.07 -14.89
C GLN A 30 -11.54 1.82 -13.65
N LEU A 31 -12.23 1.12 -12.75
CA LEU A 31 -12.65 1.71 -11.50
C LEU A 31 -11.45 2.08 -10.65
N TYR A 32 -10.37 1.32 -10.78
CA TYR A 32 -9.20 1.60 -9.98
C TYR A 32 -8.03 2.17 -10.80
N ASP A 33 -8.37 2.77 -11.94
CA ASP A 33 -7.38 3.48 -12.74
C ASP A 33 -6.64 4.52 -11.93
N TYR A 34 -5.35 4.67 -12.22
CA TYR A 34 -4.57 5.77 -11.69
C TYR A 34 -4.79 7.00 -12.58
N PRO A 35 -4.57 8.20 -12.05
CA PRO A 35 -4.60 9.37 -12.93
C PRO A 35 -3.59 9.24 -14.10
N ASP A 36 -3.91 9.83 -15.23
CA ASP A 36 -3.08 9.74 -16.43
C ASP A 36 -1.70 10.38 -16.25
N ASP A 37 -1.63 11.41 -15.43
CA ASP A 37 -0.37 12.06 -15.15
C ASP A 37 -0.21 12.40 -13.67
N GLY A 38 1.00 12.81 -13.29
CA GLY A 38 1.27 13.21 -11.92
C GLY A 38 1.52 12.00 -11.06
N THR A 39 1.84 12.21 -9.79
CA THR A 39 2.06 11.09 -8.90
C THR A 39 0.81 10.88 -8.06
N TRP A 40 0.64 9.66 -7.54
CA TRP A 40 -0.60 9.31 -6.87
C TRP A 40 -0.34 8.23 -5.84
N LEU A 41 -0.58 8.54 -4.58
CA LEU A 41 -0.35 7.58 -3.53
C LEU A 41 -1.67 6.96 -3.05
N ARG A 42 -1.86 5.69 -3.39
CA ARG A 42 -3.08 4.96 -3.03
C ARG A 42 -2.85 3.99 -1.89
N ALA A 43 -3.77 3.98 -0.94
CA ALA A 43 -3.72 3.05 0.18
C ALA A 43 -4.78 1.99 0.01
N ASN A 44 -4.41 0.74 0.22
CA ASN A 44 -5.38 -0.34 0.30
C ASN A 44 -5.31 -0.96 1.67
N PHE A 45 -6.37 -0.85 2.44
CA PHE A 45 -6.43 -1.54 3.72
C PHE A 45 -7.72 -2.35 3.86
N ILE A 46 -7.75 -3.26 4.83
CA ILE A 46 -8.97 -4.00 5.19
C ILE A 46 -9.28 -3.84 6.69
N SER A 47 -10.57 -3.78 7.02
CA SER A 47 -10.99 -3.45 8.37
C SER A 47 -12.28 -4.16 8.77
N SER A 48 -12.44 -4.42 10.05
CA SER A 48 -13.71 -4.95 10.53
C SER A 48 -14.70 -3.83 10.75
N LEU A 49 -15.94 -4.20 11.07
CA LEU A 49 -17.01 -3.25 11.35
C LEU A 49 -16.67 -2.32 12.52
N ASP A 50 -15.98 -2.84 13.52
CA ASP A 50 -15.60 -2.01 14.65
C ASP A 50 -14.17 -1.53 14.55
N GLY A 51 -13.70 -1.32 13.32
CA GLY A 51 -12.43 -0.66 13.08
C GLY A 51 -11.22 -1.48 13.47
N GLY A 52 -11.39 -2.79 13.58
CA GLY A 52 -10.28 -3.69 13.86
C GLY A 52 -9.51 -4.04 12.61
N ALA A 53 -8.21 -3.82 12.61
CA ALA A 53 -7.39 -4.04 11.41
C ALA A 53 -6.84 -5.45 11.39
N THR A 54 -6.60 -6.01 12.57
CA THR A 54 -5.99 -7.32 12.67
C THR A 54 -6.89 -8.32 13.37
N VAL A 55 -6.70 -9.59 13.04
CA VAL A 55 -7.26 -10.69 13.81
C VAL A 55 -6.13 -11.64 14.20
N ASP A 56 -5.69 -11.54 15.46
CA ASP A 56 -4.51 -12.26 15.92
C ASP A 56 -3.32 -11.94 14.99
N GLY A 57 -2.92 -10.67 14.98
CA GLY A 57 -1.73 -10.25 14.25
C GLY A 57 -1.77 -10.27 12.72
N THR A 58 -2.59 -11.15 12.15
CA THR A 58 -2.77 -11.21 10.71
C THR A 58 -3.91 -10.26 10.30
N SER A 59 -3.96 -9.87 9.03
CA SER A 59 -5.15 -9.23 8.47
C SER A 59 -5.78 -10.15 7.43
N GLY A 60 -5.09 -11.26 7.16
CA GLY A 60 -5.51 -12.27 6.20
C GLY A 60 -6.75 -13.05 6.58
N ALA A 61 -7.05 -13.14 7.88
CA ALA A 61 -8.20 -13.89 8.38
C ALA A 61 -9.54 -13.26 7.98
N MET A 62 -9.57 -11.94 7.84
CA MET A 62 -10.79 -11.24 7.43
C MET A 62 -10.92 -11.17 5.91
N ALA A 63 -9.82 -11.43 5.21
CA ALA A 63 -9.78 -11.33 3.76
C ALA A 63 -10.28 -12.62 3.11
N GLY A 64 -11.41 -12.55 2.38
CA GLY A 64 -11.90 -13.66 1.57
C GLY A 64 -11.42 -13.53 0.12
N PRO A 65 -11.92 -14.40 -0.78
CA PRO A 65 -11.52 -14.39 -2.19
C PRO A 65 -11.72 -13.02 -2.83
N GLY A 66 -12.83 -12.39 -2.48
CA GLY A 66 -13.17 -11.07 -2.98
C GLY A 66 -12.09 -10.03 -2.72
N ASP A 67 -11.75 -9.86 -1.45
CA ASP A 67 -10.71 -8.94 -1.05
C ASP A 67 -9.36 -9.28 -1.71
N ARG A 68 -9.00 -10.55 -1.71
CA ARG A 68 -7.75 -10.97 -2.32
C ARG A 68 -7.65 -10.55 -3.79
N PHE A 69 -8.75 -10.73 -4.50
CA PHE A 69 -8.85 -10.38 -5.90
C PHE A 69 -8.55 -8.91 -6.09
N VAL A 70 -9.28 -8.06 -5.36
CA VAL A 70 -9.06 -6.62 -5.44
C VAL A 70 -7.64 -6.27 -5.00
N PHE A 71 -7.14 -6.97 -3.99
CA PHE A 71 -5.79 -6.77 -3.47
C PHE A 71 -4.72 -7.02 -4.55
N ASN A 72 -4.84 -8.14 -5.27
CA ASN A 72 -3.86 -8.44 -6.31
C ASN A 72 -4.01 -7.51 -7.50
N LEU A 73 -5.25 -7.19 -7.87
CA LEU A 73 -5.51 -6.23 -8.94
C LEU A 73 -4.85 -4.88 -8.64
N LEU A 74 -5.02 -4.39 -7.42
CA LEU A 74 -4.39 -3.12 -7.05
C LEU A 74 -2.87 -3.19 -7.21
N ARG A 75 -2.29 -4.34 -6.88
CA ARG A 75 -0.85 -4.56 -7.06
C ARG A 75 -0.46 -4.56 -8.52
N GLU A 76 -1.33 -5.14 -9.34
CA GLU A 76 -1.13 -5.18 -10.78
C GLU A 76 -1.07 -3.78 -11.41
N LEU A 77 -1.79 -2.83 -10.83
CA LEU A 77 -1.88 -1.49 -11.42
C LEU A 77 -0.75 -0.54 -10.98
N ALA A 78 -0.05 -0.90 -9.92
CA ALA A 78 0.92 -0.02 -9.27
C ALA A 78 2.30 -0.10 -9.91
N ASP A 79 3.01 1.02 -9.94
CA ASP A 79 4.43 1.04 -10.35
C ASP A 79 5.30 0.52 -9.20
N VAL A 80 4.85 0.74 -7.97
CA VAL A 80 5.68 0.43 -6.81
C VAL A 80 4.80 0.22 -5.58
N ILE A 81 5.22 -0.69 -4.72
CA ILE A 81 4.53 -0.89 -3.46
C ILE A 81 5.44 -0.37 -2.34
N VAL A 82 4.92 0.55 -1.54
CA VAL A 82 5.63 1.03 -0.37
C VAL A 82 5.11 0.33 0.88
N VAL A 83 6.04 -0.17 1.69
CA VAL A 83 5.71 -0.89 2.90
C VAL A 83 6.66 -0.53 4.02
N GLY A 84 6.15 -0.39 5.24
CA GLY A 84 7.03 -0.16 6.38
C GLY A 84 7.80 -1.41 6.74
N VAL A 85 8.94 -1.25 7.41
CA VAL A 85 9.80 -2.37 7.70
C VAL A 85 9.17 -3.38 8.67
N GLY A 86 8.28 -2.88 9.55
CA GLY A 86 7.60 -3.72 10.52
C GLY A 86 6.71 -4.76 9.88
N THR A 87 5.98 -4.36 8.84
CA THR A 87 5.11 -5.27 8.10
C THR A 87 5.91 -6.32 7.33
N VAL A 88 7.02 -5.88 6.74
CA VAL A 88 7.87 -6.71 5.89
C VAL A 88 8.52 -7.88 6.67
N ARG A 89 8.69 -7.72 7.98
CA ARG A 89 9.25 -8.75 8.84
C ARG A 89 8.25 -9.82 9.26
N ILE A 90 6.95 -9.56 9.04
CA ILE A 90 5.92 -10.42 9.60
C ILE A 90 5.87 -11.76 8.84
N GLU A 91 5.53 -12.82 9.59
CA GLU A 91 5.69 -14.24 9.23
C GLU A 91 5.82 -14.67 7.76
N GLY A 92 4.90 -14.22 6.90
CA GLY A 92 4.76 -14.79 5.57
C GLY A 92 4.51 -13.67 4.58
N TYR A 93 5.28 -12.61 4.73
CA TYR A 93 5.28 -11.52 3.76
C TYR A 93 6.21 -11.85 2.60
N SER A 94 5.62 -12.24 1.47
CA SER A 94 6.39 -12.72 0.33
C SER A 94 7.04 -11.56 -0.44
N GLY A 95 7.60 -11.88 -1.60
CA GLY A 95 7.93 -10.84 -2.57
C GLY A 95 6.76 -10.78 -3.53
N VAL A 96 6.56 -9.62 -4.16
CA VAL A 96 5.42 -9.43 -5.06
C VAL A 96 5.39 -10.47 -6.19
N ARG A 97 4.37 -11.33 -6.14
CA ARG A 97 4.21 -12.41 -7.11
C ARG A 97 3.20 -12.06 -8.18
N MET A 98 3.69 -11.76 -9.38
CA MET A 98 2.80 -11.52 -10.49
C MET A 98 2.64 -12.82 -11.29
N GLY A 99 1.38 -13.20 -11.51
CA GLY A 99 1.08 -14.34 -12.35
C GLY A 99 1.30 -14.00 -13.80
N VAL A 100 1.28 -15.02 -14.66
CA VAL A 100 1.59 -14.87 -16.08
C VAL A 100 0.64 -13.89 -16.79
N VAL A 101 -0.63 -13.90 -16.45
CA VAL A 101 -1.57 -13.00 -17.13
C VAL A 101 -1.40 -11.57 -16.59
N GLN A 102 -1.09 -11.47 -15.30
CA GLN A 102 -0.88 -10.16 -14.68
C GLN A 102 0.29 -9.47 -15.34
N ARG A 103 1.42 -10.16 -15.44
CA ARG A 103 2.56 -9.70 -16.21
C ARG A 103 2.18 -9.25 -17.63
N GLN A 104 1.25 -9.95 -18.27
CA GLN A 104 0.78 -9.55 -19.59
C GLN A 104 0.07 -8.21 -19.65
N HIS A 105 -0.89 -8.01 -18.75
CA HIS A 105 -1.65 -6.78 -18.69
C HIS A 105 -0.75 -5.61 -18.37
N ARG A 106 0.27 -5.86 -17.55
CA ARG A 106 1.19 -4.82 -17.16
C ARG A 106 2.05 -4.40 -18.34
N GLN A 107 2.40 -5.36 -19.19
CA GLN A 107 3.17 -5.04 -20.38
C GLN A 107 2.32 -4.24 -21.35
N ALA A 108 1.10 -4.71 -21.59
CA ALA A 108 0.16 -3.98 -22.44
C ALA A 108 -0.10 -2.56 -21.91
N ARG A 109 0.08 -2.35 -20.61
CA ARG A 109 0.00 -1.00 -20.04
C ARG A 109 1.35 -0.30 -20.01
N GLY A 110 2.35 -0.93 -20.59
CA GLY A 110 3.69 -0.35 -20.65
C GLY A 110 4.47 -0.38 -19.35
N GLN A 111 3.93 -1.04 -18.33
CA GLN A 111 4.65 -1.18 -17.07
C GLN A 111 5.59 -2.39 -17.11
N SER A 112 6.48 -2.50 -16.13
CA SER A 112 7.39 -3.63 -16.04
C SER A 112 6.65 -4.93 -15.70
N GLU A 113 7.37 -6.04 -15.65
CA GLU A 113 6.77 -7.35 -15.37
C GLU A 113 6.07 -7.37 -14.01
N VAL A 114 6.80 -6.93 -12.99
CA VAL A 114 6.28 -6.90 -11.63
C VAL A 114 6.48 -5.50 -11.05
N PRO A 115 5.55 -5.08 -10.16
CA PRO A 115 5.84 -3.82 -9.46
C PRO A 115 7.04 -3.94 -8.54
N GLN A 116 7.77 -2.84 -8.49
CA GLN A 116 8.89 -2.65 -7.59
C GLN A 116 8.38 -2.62 -6.13
N LEU A 117 9.28 -2.88 -5.18
CA LEU A 117 8.98 -2.83 -3.76
C LEU A 117 9.88 -1.84 -3.02
N ALA A 118 9.26 -0.97 -2.21
CA ALA A 118 10.01 0.02 -1.48
C ALA A 118 9.78 -0.18 0.01
N ILE A 119 10.86 -0.30 0.77
CA ILE A 119 10.75 -0.54 2.19
C ILE A 119 11.19 0.69 2.95
N VAL A 120 10.31 1.22 3.81
CA VAL A 120 10.61 2.45 4.55
C VAL A 120 11.15 2.21 5.95
N THR A 121 12.25 2.88 6.27
CA THR A 121 12.85 2.79 7.59
C THR A 121 13.51 4.13 7.95
N ARG A 122 13.43 4.51 9.20
CA ARG A 122 14.11 5.72 9.63
C ARG A 122 15.45 5.30 10.21
N SER A 123 15.44 4.13 10.86
CA SER A 123 16.60 3.62 11.57
C SER A 123 17.68 3.04 10.65
N GLY A 124 17.30 2.65 9.44
CA GLY A 124 18.23 2.01 8.52
C GLY A 124 18.63 0.60 8.93
N ARG A 125 18.03 0.08 10.01
CA ARG A 125 18.40 -1.25 10.53
C ARG A 125 17.69 -2.42 9.84
N LEU A 126 18.09 -2.73 8.62
CA LEU A 126 17.61 -3.92 7.94
C LEU A 126 18.73 -4.95 7.83
N ASP A 127 18.37 -6.23 7.97
CA ASP A 127 19.32 -7.34 7.84
C ASP A 127 19.60 -7.72 6.41
N ARG A 128 20.77 -8.29 6.14
CA ARG A 128 21.04 -8.83 4.82
C ARG A 128 20.16 -10.04 4.58
N ASP A 129 19.88 -10.79 5.63
CA ASP A 129 19.02 -11.96 5.50
C ASP A 129 17.61 -11.69 5.99
N MET A 130 16.82 -11.02 5.18
CA MET A 130 15.40 -10.87 5.49
C MET A 130 14.63 -11.58 4.42
N ALA A 131 13.40 -11.98 4.73
CA ALA A 131 12.57 -12.69 3.78
C ALA A 131 12.40 -11.86 2.51
N VAL A 132 12.30 -10.55 2.67
CA VAL A 132 11.96 -9.65 1.57
C VAL A 132 13.07 -9.59 0.52
N PHE A 133 14.32 -9.64 0.95
CA PHE A 133 15.46 -9.63 0.03
C PHE A 133 15.63 -10.95 -0.68
N THR A 134 15.25 -12.04 -0.02
CA THR A 134 15.67 -13.37 -0.45
C THR A 134 14.83 -13.97 -1.56
N ARG A 135 13.51 -13.86 -1.53
CA ARG A 135 12.80 -14.55 -2.60
C ARG A 135 11.95 -13.60 -3.43
N THR A 136 12.49 -12.40 -3.63
CA THR A 136 11.91 -11.45 -4.56
C THR A 136 12.72 -11.46 -5.86
N GLU A 137 11.99 -11.53 -6.98
CA GLU A 137 12.55 -11.56 -8.32
C GLU A 137 13.50 -10.38 -8.56
N MET A 138 13.05 -9.19 -8.18
CA MET A 138 13.77 -7.95 -8.45
C MET A 138 14.17 -7.23 -7.16
N ALA A 139 15.40 -6.71 -7.12
CA ALA A 139 15.94 -6.00 -5.94
C ALA A 139 15.07 -4.82 -5.50
N PRO A 140 14.60 -4.83 -4.24
CA PRO A 140 13.74 -3.81 -3.65
C PRO A 140 14.45 -2.49 -3.34
N LEU A 141 13.67 -1.41 -3.26
CA LEU A 141 14.17 -0.10 -2.86
C LEU A 141 14.07 0.04 -1.34
N VAL A 142 15.03 0.72 -0.74
CA VAL A 142 14.99 1.06 0.67
C VAL A 142 14.98 2.58 0.80
N LEU A 143 13.89 3.10 1.36
CA LEU A 143 13.69 4.53 1.55
C LEU A 143 13.98 4.88 2.99
N THR A 144 15.01 5.69 3.21
CA THR A 144 15.43 6.05 4.55
C THR A 144 15.96 7.49 4.62
N THR A 145 16.71 7.81 5.67
CA THR A 145 17.14 9.18 5.90
C THR A 145 18.57 9.47 5.39
N THR A 146 18.88 10.75 5.24
CA THR A 146 20.22 11.15 4.80
C THR A 146 21.26 10.65 5.81
N ALA A 147 20.90 10.76 7.10
CA ALA A 147 21.77 10.38 8.21
C ALA A 147 22.33 8.97 8.09
N VAL A 148 21.47 7.99 7.81
CA VAL A 148 21.90 6.58 7.77
C VAL A 148 22.09 5.98 6.36
N ALA A 149 21.75 6.73 5.32
CA ALA A 149 21.70 6.16 3.96
C ALA A 149 23.00 5.49 3.54
N ASP A 150 24.12 6.16 3.73
CA ASP A 150 25.37 5.65 3.18
C ASP A 150 25.77 4.32 3.85
N ASP A 151 25.59 4.22 5.16
CA ASP A 151 25.96 3.01 5.85
C ASP A 151 25.00 1.87 5.48
N THR A 152 23.72 2.20 5.31
CA THR A 152 22.71 1.24 4.90
C THR A 152 22.97 0.73 3.47
N ARG A 153 23.39 1.66 2.61
CA ARG A 153 23.75 1.33 1.23
C ARG A 153 24.92 0.35 1.20
N GLN A 154 25.89 0.56 2.09
CA GLN A 154 27.01 -0.35 2.20
C GLN A 154 26.58 -1.73 2.73
N ARG A 155 25.94 -1.76 3.90
CA ARG A 155 25.47 -3.01 4.52
C ARG A 155 24.59 -3.90 3.60
N LEU A 156 23.91 -3.31 2.62
CA LEU A 156 22.99 -4.05 1.75
C LEU A 156 23.38 -4.04 0.26
N ALA A 157 24.66 -3.78 -0.06
CA ALA A 157 25.14 -3.82 -1.46
C ALA A 157 24.74 -5.12 -2.18
N GLY A 158 24.11 -4.98 -3.34
CA GLY A 158 23.62 -6.11 -4.10
C GLY A 158 22.23 -6.64 -3.74
N LEU A 159 21.67 -6.20 -2.61
CA LEU A 159 20.34 -6.63 -2.20
C LEU A 159 19.29 -5.55 -2.51
N ALA A 160 19.67 -4.29 -2.33
CA ALA A 160 18.75 -3.16 -2.49
C ALA A 160 19.43 -1.83 -2.87
N GLU A 161 18.71 -1.04 -3.66
CA GLU A 161 19.03 0.36 -3.91
C GLU A 161 18.52 1.22 -2.74
N VAL A 162 19.43 1.88 -2.02
CA VAL A 162 19.09 2.69 -0.86
C VAL A 162 18.97 4.17 -1.22
N ILE A 163 17.82 4.74 -0.91
CA ILE A 163 17.48 6.09 -1.31
C ILE A 163 17.17 6.96 -0.09
N ALA A 164 17.85 8.11 -0.02
CA ALA A 164 17.66 9.08 1.05
C ALA A 164 16.37 9.89 0.81
N CYS A 165 15.45 9.91 1.78
CA CYS A 165 14.21 10.66 1.62
C CYS A 165 13.99 11.73 2.68
N SER A 166 15.07 12.26 3.23
CA SER A 166 14.98 13.39 4.14
C SER A 166 14.59 14.68 3.39
N GLY A 167 13.81 15.54 4.05
CA GLY A 167 13.52 16.85 3.53
C GLY A 167 14.51 17.82 4.13
N ASP A 168 14.04 18.65 5.06
CA ASP A 168 14.90 19.62 5.75
C ASP A 168 15.69 18.98 6.88
N ASP A 169 15.27 17.81 7.36
CA ASP A 169 15.90 17.17 8.52
C ASP A 169 16.56 15.85 8.16
N PRO A 170 17.89 15.78 8.26
CA PRO A 170 18.57 14.56 7.82
C PRO A 170 18.28 13.37 8.75
N GLY A 171 17.70 13.62 9.92
CA GLY A 171 17.41 12.55 10.85
C GLY A 171 16.08 11.81 10.66
N THR A 172 15.23 12.28 9.75
CA THR A 172 13.95 11.63 9.53
C THR A 172 13.57 11.58 8.04
N VAL A 173 12.54 10.80 7.74
CA VAL A 173 11.92 10.80 6.42
C VAL A 173 10.88 11.91 6.29
N ASP A 174 10.94 12.64 5.18
CA ASP A 174 9.87 13.56 4.80
C ASP A 174 9.01 12.84 3.78
N GLU A 175 7.76 12.59 4.14
CA GLU A 175 6.93 11.69 3.34
C GLU A 175 6.63 12.26 1.96
N ALA A 176 6.58 13.58 1.85
CA ALA A 176 6.37 14.22 0.55
C ALA A 176 7.59 14.02 -0.35
N VAL A 177 8.76 13.93 0.28
CA VAL A 177 10.00 13.74 -0.46
C VAL A 177 10.09 12.29 -0.92
N LEU A 178 9.79 11.38 -0.01
CA LEU A 178 9.64 9.96 -0.31
C LEU A 178 8.88 9.73 -1.62
N VAL A 179 7.65 10.22 -1.64
CA VAL A 179 6.80 10.19 -2.82
C VAL A 179 7.47 10.81 -4.06
N SER A 180 8.09 11.96 -3.92
CA SER A 180 8.80 12.60 -5.04
C SER A 180 10.01 11.79 -5.51
N GLN A 181 10.70 11.17 -4.56
CA GLN A 181 11.84 10.31 -4.86
C GLN A 181 11.44 9.11 -5.73
N LEU A 182 10.23 8.61 -5.51
CA LEU A 182 9.69 7.52 -6.30
C LEU A 182 9.26 8.00 -7.68
N ALA A 183 8.61 9.16 -7.74
CA ALA A 183 8.21 9.76 -9.01
C ALA A 183 9.41 10.03 -9.92
N ALA A 184 10.46 10.56 -9.31
CA ALA A 184 11.75 10.79 -9.96
C ALA A 184 12.25 9.58 -10.74
N ARG A 185 11.96 8.38 -10.22
CA ARG A 185 12.44 7.14 -10.82
C ARG A 185 11.41 6.49 -11.73
N GLY A 186 10.45 7.29 -12.20
CA GLY A 186 9.38 6.77 -13.03
C GLY A 186 8.36 5.92 -12.28
N LEU A 187 8.35 5.99 -10.96
CA LEU A 187 7.44 5.18 -10.14
C LEU A 187 6.33 6.03 -9.49
N ARG A 188 5.55 6.68 -10.35
CA ARG A 188 4.57 7.69 -9.95
C ARG A 188 3.21 7.12 -9.47
N ARG A 189 2.89 5.90 -9.87
CA ARG A 189 1.66 5.24 -9.42
C ARG A 189 1.95 4.34 -8.25
N ILE A 190 1.79 4.88 -7.04
CA ILE A 190 2.19 4.23 -5.80
C ILE A 190 1.03 3.50 -5.08
N LEU A 191 1.38 2.43 -4.36
CA LEU A 191 0.42 1.69 -3.56
C LEU A 191 1.05 1.32 -2.22
N THR A 192 0.30 1.52 -1.14
CA THR A 192 0.77 1.14 0.20
C THR A 192 -0.26 0.21 0.82
N GLU A 193 0.21 -0.80 1.56
CA GLU A 193 -0.68 -1.82 2.12
C GLU A 193 -0.43 -2.00 3.62
N GLY A 194 0.43 -1.15 4.19
CA GLY A 194 0.73 -1.21 5.61
C GLY A 194 2.20 -0.96 5.92
N GLY A 195 2.53 -0.91 7.20
CA GLY A 195 1.57 -1.09 8.28
C GLY A 195 0.94 0.20 8.78
N PRO A 196 0.23 0.11 9.92
CA PRO A 196 -0.50 1.26 10.45
C PRO A 196 0.40 2.44 10.85
N THR A 197 1.66 2.20 11.20
CA THR A 197 2.57 3.32 11.49
C THR A 197 2.84 4.13 10.22
N LEU A 198 3.27 3.47 9.14
CA LEU A 198 3.50 4.12 7.86
C LEU A 198 2.29 4.87 7.33
N LEU A 199 1.13 4.23 7.38
CA LEU A 199 -0.10 4.89 6.95
C LEU A 199 -0.38 6.07 7.85
N GLY A 200 -0.02 5.92 9.12
CA GLY A 200 -0.17 7.00 10.08
C GLY A 200 0.59 8.23 9.62
N THR A 201 1.85 8.06 9.24
CA THR A 201 2.63 9.21 8.78
C THR A 201 2.08 9.80 7.50
N PHE A 202 1.58 8.94 6.61
CA PHE A 202 1.08 9.38 5.32
C PHE A 202 -0.15 10.24 5.53
N VAL A 203 -0.89 9.94 6.59
CA VAL A 203 -2.12 10.68 6.87
C VAL A 203 -1.78 11.97 7.59
N GLU A 204 -0.82 11.92 8.50
CA GLU A 204 -0.44 13.10 9.27
C GLU A 204 0.23 14.16 8.42
N ARG A 205 1.04 13.73 7.45
CA ARG A 205 1.75 14.67 6.57
C ARG A 205 0.88 15.02 5.36
N ASP A 206 -0.30 14.42 5.31
CA ASP A 206 -1.31 14.72 4.30
C ASP A 206 -0.84 14.50 2.86
N VAL A 207 -0.22 13.35 2.60
CA VAL A 207 0.19 13.01 1.24
C VAL A 207 -0.55 11.78 0.69
N LEU A 208 -1.63 11.41 1.35
CA LEU A 208 -2.42 10.27 0.91
C LEU A 208 -3.49 10.76 -0.04
N ASP A 209 -3.46 10.28 -1.28
CA ASP A 209 -4.39 10.79 -2.27
C ASP A 209 -5.72 10.06 -2.27
N GLU A 210 -5.69 8.80 -1.86
CA GLU A 210 -6.80 7.90 -2.11
C GLU A 210 -6.80 6.77 -1.07
N LEU A 211 -7.94 6.46 -0.48
CA LEU A 211 -8.00 5.29 0.40
C LEU A 211 -8.94 4.23 -0.17
N CYS A 212 -8.41 3.03 -0.35
CA CYS A 212 -9.21 1.88 -0.74
C CYS A 212 -9.38 1.01 0.48
N LEU A 213 -10.61 0.91 0.95
CA LEU A 213 -10.92 0.22 2.20
C LEU A 213 -11.88 -0.93 1.96
N THR A 214 -11.50 -2.12 2.38
CA THR A 214 -12.43 -3.25 2.44
C THR A 214 -13.05 -3.30 3.85
N ILE A 215 -14.37 -3.38 3.89
CA ILE A 215 -15.06 -3.52 5.17
C ILE A 215 -15.53 -4.95 5.29
N ALA A 216 -14.87 -5.69 6.16
CA ALA A 216 -15.19 -7.09 6.40
C ALA A 216 -16.39 -7.16 7.33
N PRO A 217 -17.36 -8.04 7.03
CA PRO A 217 -18.57 -8.08 7.85
C PRO A 217 -18.34 -8.86 9.13
N TYR A 218 -17.51 -8.34 10.02
CA TYR A 218 -17.22 -8.98 11.31
C TYR A 218 -17.15 -7.92 12.38
N VAL A 219 -17.38 -8.27 13.63
CA VAL A 219 -16.86 -7.46 14.72
C VAL A 219 -15.80 -8.31 15.43
N VAL A 220 -14.72 -7.68 15.86
CA VAL A 220 -13.58 -8.42 16.38
C VAL A 220 -13.26 -8.18 17.86
N GLY A 221 -14.08 -7.39 18.55
CA GLY A 221 -13.76 -7.04 19.92
C GLY A 221 -12.76 -5.89 19.98
N GLY A 222 -12.35 -5.51 21.18
CA GLY A 222 -11.60 -4.27 21.37
C GLY A 222 -10.10 -4.40 21.48
N LEU A 223 -9.58 -5.61 21.31
CA LEU A 223 -8.13 -5.87 21.40
C LEU A 223 -7.35 -5.38 20.18
N ALA A 224 -7.90 -5.59 18.98
CA ALA A 224 -7.21 -5.17 17.76
C ALA A 224 -7.00 -3.65 17.68
N ARG A 225 -5.94 -3.27 16.98
CA ARG A 225 -5.64 -1.87 16.69
C ARG A 225 -6.27 -1.48 15.37
N ARG A 226 -6.24 -0.19 15.07
CA ARG A 226 -6.83 0.33 13.85
C ARG A 226 -5.87 0.16 12.68
N ILE A 227 -6.34 0.48 11.47
CA ILE A 227 -5.49 0.40 10.30
C ILE A 227 -4.45 1.51 10.35
N VAL A 228 -4.61 2.43 11.30
CA VAL A 228 -3.70 3.57 11.50
C VAL A 228 -3.33 3.69 12.97
N THR A 229 -2.04 3.78 13.27
CA THR A 229 -1.59 4.06 14.63
C THR A 229 -0.68 5.28 14.57
N GLY A 230 -0.33 5.83 15.73
CA GLY A 230 0.49 7.02 15.73
C GLY A 230 -0.13 8.16 16.53
N PRO A 231 0.67 9.21 16.76
CA PRO A 231 0.22 10.34 17.58
C PRO A 231 -0.68 11.31 16.81
N GLY A 232 -0.76 11.11 15.49
CA GLY A 232 -1.49 12.01 14.62
C GLY A 232 -2.97 12.19 14.93
N GLN A 233 -3.43 13.42 14.74
CA GLN A 233 -4.83 13.77 14.94
C GLN A 233 -5.24 14.77 13.89
N VAL A 234 -6.00 14.33 12.90
CA VAL A 234 -6.40 15.21 11.81
C VAL A 234 -7.87 14.97 11.48
N LEU A 235 -8.42 15.76 10.56
CA LEU A 235 -9.81 15.58 10.12
C LEU A 235 -9.87 15.73 8.59
N THR A 236 -9.20 14.83 7.89
CA THR A 236 -9.10 14.87 6.43
C THR A 236 -10.37 14.35 5.77
N ARG A 237 -11.07 15.25 5.08
CA ARG A 237 -12.34 14.95 4.41
C ARG A 237 -12.10 14.27 3.07
N MET A 238 -12.80 13.18 2.79
CA MET A 238 -12.62 12.52 1.52
C MET A 238 -13.92 12.26 0.80
N ARG A 239 -13.83 12.02 -0.49
CA ARG A 239 -15.00 11.84 -1.34
C ARG A 239 -15.18 10.36 -1.72
N CYS A 240 -16.38 9.82 -1.49
CA CYS A 240 -16.73 8.47 -1.89
C CYS A 240 -16.83 8.32 -3.40
N ALA A 241 -15.90 7.55 -3.98
CA ALA A 241 -15.83 7.36 -5.43
C ALA A 241 -16.63 6.16 -5.89
N HIS A 242 -16.55 5.06 -5.15
CA HIS A 242 -17.43 3.94 -5.41
C HIS A 242 -17.50 3.00 -4.22
N VAL A 243 -18.52 2.15 -4.22
CA VAL A 243 -18.60 1.04 -3.29
C VAL A 243 -18.96 -0.21 -4.07
N LEU A 244 -18.20 -1.28 -3.86
CA LEU A 244 -18.49 -2.56 -4.52
C LEU A 244 -18.90 -3.56 -3.46
N THR A 245 -19.49 -4.67 -3.90
CA THR A 245 -19.90 -5.73 -2.97
C THR A 245 -19.82 -7.08 -3.67
N ASP A 246 -19.88 -8.15 -2.88
CA ASP A 246 -19.97 -9.49 -3.41
C ASP A 246 -21.09 -10.23 -2.65
N ASP A 247 -21.22 -11.54 -2.84
CA ASP A 247 -22.30 -12.28 -2.20
C ASP A 247 -22.05 -12.49 -0.71
N SER A 248 -20.81 -12.28 -0.27
CA SER A 248 -20.42 -12.54 1.10
C SER A 248 -20.63 -11.38 2.07
N GLY A 249 -21.15 -10.26 1.59
CA GLY A 249 -21.44 -9.13 2.46
C GLY A 249 -20.33 -8.10 2.61
N TYR A 250 -19.18 -8.31 1.96
CA TYR A 250 -18.08 -7.34 2.03
C TYR A 250 -18.41 -6.05 1.29
N LEU A 251 -17.85 -4.94 1.76
CA LEU A 251 -17.86 -3.70 1.01
C LEU A 251 -16.44 -3.32 0.58
N TYR A 252 -16.27 -3.07 -0.71
CA TYR A 252 -15.00 -2.65 -1.28
C TYR A 252 -15.11 -1.18 -1.71
N THR A 253 -14.52 -0.29 -0.92
CA THR A 253 -14.77 1.12 -1.11
C THR A 253 -13.54 1.82 -1.67
N ARG A 254 -13.76 2.95 -2.32
CA ARG A 254 -12.69 3.81 -2.82
C ARG A 254 -13.01 5.26 -2.47
N TYR A 255 -12.10 5.91 -1.74
CA TYR A 255 -12.28 7.30 -1.33
C TYR A 255 -11.13 8.17 -1.79
N VAL A 256 -11.45 9.36 -2.28
CA VAL A 256 -10.44 10.29 -2.76
C VAL A 256 -10.47 11.58 -1.92
N LYS A 257 -9.29 12.13 -1.60
CA LYS A 257 -9.19 13.50 -1.11
C LYS A 257 -9.69 14.44 -2.20
N THR A 258 -10.33 15.58 -1.90
CA THR A 258 -10.44 16.23 -0.60
C THR A 258 -11.90 16.43 -0.22
PA NDP B . 4.94 -0.73 9.83
O1A NDP B . 4.27 0.60 9.91
O2A NDP B . 5.01 -1.43 8.50
O5B NDP B . 6.46 -0.69 10.55
C5B NDP B . 6.77 0.68 10.74
C4B NDP B . 8.30 0.94 10.53
O4B NDP B . 8.56 1.66 9.30
C3B NDP B . 8.83 1.86 11.64
O3B NDP B . 9.13 1.16 12.81
C2B NDP B . 10.15 2.31 11.02
O2B NDP B . 11.03 1.38 10.96
C1B NDP B . 9.74 2.49 9.54
N9A NDP B . 9.59 3.95 9.13
C8A NDP B . 10.59 4.95 8.96
N7A NDP B . 10.14 6.15 8.58
C5A NDP B . 8.77 5.91 8.49
C6A NDP B . 7.73 6.74 8.16
N6A NDP B . 7.91 8.02 7.84
N1A NDP B . 6.50 6.26 8.15
C2A NDP B . 6.40 4.93 8.52
N3A NDP B . 7.23 4.00 8.86
C4A NDP B . 8.44 4.53 8.84
O3 NDP B . 3.87 -1.72 10.67
PN NDP B . 3.81 -1.45 12.27
O1N NDP B . 4.95 -2.13 12.93
O2N NDP B . 3.26 -0.12 12.71
O5D NDP B . 2.48 -2.45 12.80
C5D NDP B . 2.71 -3.80 12.52
C4D NDP B . 1.58 -4.59 13.24
O4D NDP B . 0.27 -4.33 12.63
C3D NDP B . 1.86 -6.12 13.20
O3D NDP B . 1.60 -6.65 14.47
C2D NDP B . 0.86 -6.65 12.14
O2D NDP B . 0.19 -7.81 12.58
C1D NDP B . -0.22 -5.51 11.97
N1N NDP B . -0.51 -5.22 10.49
C2N NDP B . -1.78 -4.77 10.08
C3N NDP B . -2.00 -4.32 8.79
C7N NDP B . -3.36 -3.87 8.43
O7N NDP B . -4.19 -4.53 7.76
N7N NDP B . -3.73 -2.59 8.86
C4N NDP B . -0.91 -4.29 7.75
C5N NDP B . 0.34 -4.95 8.23
C6N NDP B . 0.51 -5.38 9.50
P2B NDP B . 12.50 1.75 11.84
O1X NDP B . 11.95 1.35 13.17
O2X NDP B . 13.51 0.81 11.16
O3X NDP B . 12.64 3.22 11.57
C4 G8J C . -5.44 -7.16 2.70
C5 G8J C . -4.45 -6.27 3.02
C6 G8J C . -4.69 -4.89 2.79
N1 G8J C . -5.85 -4.49 2.26
N3 G8J C . -6.58 -6.70 2.19
CAJ G8J C . -5.39 -9.26 1.55
CAI G8J C . -5.27 -8.54 2.90
C2 G8J C . -6.80 -5.39 1.97
NAG G8J C . -7.97 -5.01 1.45
NAH G8J C . -3.72 -4.02 3.09
CAK G8J C . -3.23 -6.75 3.56
CAL G8J C . -2.26 -7.12 3.99
CAM G8J C . -0.96 -7.52 4.53
CAZ G8J C . 0.09 -6.57 3.95
CAN G8J C . -0.65 -8.85 4.17
CAO G8J C . -1.34 -9.49 3.13
CAS G8J C . 0.36 -9.53 4.85
OBA G8J C . 1.00 -8.84 5.86
CBB G8J C . 1.95 -9.68 6.51
CAR G8J C . 0.68 -10.83 4.51
CAQ G8J C . -0.02 -11.45 3.48
CAP G8J C . -1.04 -10.80 2.77
CAT G8J C . -1.70 -11.49 1.76
CAU G8J C . -2.30 -10.83 0.68
CAV G8J C . -2.97 -11.55 -0.32
NAW G8J C . -3.07 -12.96 -0.26
CAX G8J C . -2.48 -13.64 0.83
CAY G8J C . -1.82 -12.89 1.81
#